data_3KXN
#
_entry.id   3KXN
#
_cell.length_a   143.839
_cell.length_b   60.901
_cell.length_c   46.015
_cell.angle_alpha   90.00
_cell.angle_beta   103.37
_cell.angle_gamma   90.00
#
_symmetry.space_group_name_H-M   'C 1 2 1'
#
loop_
_entity.id
_entity.type
_entity.pdbx_description
1 polymer 'Casein kinase II subunit alpha'
2 non-polymer 4,5,6,7-tetraiodo-1H-benzimidazole
3 water water
#
_entity_poly.entity_id   1
_entity_poly.type   'polypeptide(L)'
_entity_poly.pdbx_seq_one_letter_code
;SKARVYADVNVLRPKEYWDYEALTVQWGEQDDYEVVRKVGRGKYSEVFEGINVNNNEKCIIKILKPVKKKKIKREIKILQ
NLCGGPNIVKLLDIVRDQHSKTPSLIFEYVNNTDFKVLYPTLTDYDIRYYIYELLKALDYCHSQGIMHRDVKPHNVMIDH
ELRKLRLIDWGLAEFYHPGKEYNVRVASRYFKGPELLVDLQDYDYSLDMWSLGCMFAGMIFRKEPFFYGHDNHDQLVKIA
KVLGTDGLNVYLNKYRIELDPQLEALVGRHSRKPWLKFMNADNQHLVSPEAIDFLDKLLRYDHQERLTALEAMTHPYFQQ
VRAAENS
;
_entity_poly.pdbx_strand_id   A
#
# COMPACT_ATOMS: atom_id res chain seq x y z
N SER A 1 9.33 12.95 14.97
CA SER A 1 9.71 12.39 13.65
C SER A 1 9.07 13.24 12.49
N LYS A 2 9.89 13.53 11.48
CA LYS A 2 9.44 14.07 10.20
C LYS A 2 10.08 13.30 9.06
N ALA A 3 9.37 13.24 7.93
CA ALA A 3 9.81 12.55 6.75
C ALA A 3 11.16 13.08 6.23
N ARG A 4 12.04 12.18 5.78
CA ARG A 4 13.40 12.51 5.29
C ARG A 4 13.35 13.04 3.84
N VAL A 5 12.18 12.92 3.20
CA VAL A 5 11.93 13.42 1.85
C VAL A 5 10.44 13.88 1.65
N TYR A 6 10.23 14.78 0.70
CA TYR A 6 8.91 15.26 0.30
C TYR A 6 8.19 15.93 1.48
N ALA A 7 8.96 16.34 2.50
CA ALA A 7 8.32 16.71 3.78
C ALA A 7 7.47 17.92 3.57
N ASP A 8 7.87 18.75 2.62
CA ASP A 8 7.25 20.08 2.39
C ASP A 8 6.31 20.19 1.14
N VAL A 9 5.87 19.07 0.55
CA VAL A 9 5.05 19.15 -0.66
C VAL A 9 3.77 19.99 -0.44
N ASN A 10 2.99 19.64 0.59
CA ASN A 10 1.72 20.29 0.94
C ASN A 10 1.82 21.70 1.59
N VAL A 11 2.96 21.95 2.20
CA VAL A 11 3.38 23.25 2.66
C VAL A 11 3.51 24.29 1.53
N LEU A 12 3.99 23.89 0.35
CA LEU A 12 4.22 24.86 -0.74
C LEU A 12 3.09 24.96 -1.73
N ARG A 13 2.10 24.12 -1.57
CA ARG A 13 1.05 24.08 -2.56
C ARG A 13 -0.10 24.94 -2.06
N PRO A 14 -0.97 25.41 -2.97
CA PRO A 14 -2.17 26.13 -2.54
C PRO A 14 -3.09 25.27 -1.67
N LYS A 15 -3.67 25.87 -0.64
CA LYS A 15 -4.48 25.14 0.34
C LYS A 15 -5.58 24.27 -0.29
N GLU A 16 -6.15 24.75 -1.38
CA GLU A 16 -7.15 23.97 -2.13
C GLU A 16 -6.65 22.59 -2.52
N TYR A 17 -5.35 22.46 -2.71
CA TYR A 17 -4.77 21.15 -3.02
C TYR A 17 -5.03 20.10 -1.93
N TRP A 18 -4.78 20.43 -0.67
CA TRP A 18 -4.85 19.46 0.42
C TRP A 18 -6.06 19.62 1.32
N ASP A 19 -6.63 20.81 1.34
CA ASP A 19 -7.85 21.08 2.10
C ASP A 19 -9.01 20.35 1.44
N TYR A 20 -9.04 19.00 1.47
CA TYR A 20 -10.13 18.24 0.85
C TYR A 20 -11.54 18.58 1.39
N GLU A 21 -11.67 19.10 2.62
CA GLU A 21 -13.03 19.39 3.13
C GLU A 21 -13.74 20.50 2.38
N ALA A 22 -13.01 21.20 1.54
CA ALA A 22 -13.57 22.27 0.71
C ALA A 22 -13.99 21.82 -0.71
N LEU A 23 -13.87 20.54 -1.04
CA LEU A 23 -14.23 20.02 -2.35
C LEU A 23 -15.75 20.07 -2.51
N THR A 24 -16.23 20.42 -3.70
CA THR A 24 -17.65 20.16 -4.04
C THR A 24 -17.71 19.26 -5.25
N VAL A 25 -18.29 18.08 -5.09
CA VAL A 25 -18.31 17.04 -6.11
C VAL A 25 -19.16 17.47 -7.29
N GLN A 26 -18.60 17.46 -8.50
CA GLN A 26 -19.45 17.62 -9.70
C GLN A 26 -20.07 16.24 -10.09
N TRP A 27 -21.33 15.96 -9.72
CA TRP A 27 -21.91 14.61 -9.98
C TRP A 27 -22.19 14.31 -11.44
N GLY A 28 -21.76 13.16 -11.91
CA GLY A 28 -22.06 12.81 -13.29
C GLY A 28 -23.44 12.21 -13.45
N GLU A 29 -23.57 11.39 -14.48
CA GLU A 29 -24.86 10.90 -14.81
C GLU A 29 -24.92 9.38 -14.59
N GLN A 30 -25.69 8.97 -13.56
CA GLN A 30 -25.81 7.56 -13.16
C GLN A 30 -26.10 6.59 -14.30
N ASP A 31 -26.93 7.01 -15.25
CA ASP A 31 -27.32 6.16 -16.33
C ASP A 31 -26.28 5.88 -17.41
N ASP A 32 -25.17 6.62 -17.47
CA ASP A 32 -24.09 6.25 -18.41
C ASP A 32 -23.46 4.86 -18.20
N TYR A 33 -23.66 4.26 -17.02
CA TYR A 33 -22.89 3.05 -16.56
C TYR A 33 -23.83 2.04 -16.00
N GLU A 34 -23.77 0.82 -16.54
CA GLU A 34 -24.56 -0.30 -16.06
C GLU A 34 -23.68 -1.41 -15.50
N VAL A 35 -24.05 -1.95 -14.35
CA VAL A 35 -23.35 -3.09 -13.76
C VAL A 35 -23.53 -4.33 -14.62
N VAL A 36 -22.43 -5.02 -14.91
CA VAL A 36 -22.45 -6.32 -15.59
C VAL A 36 -22.34 -7.54 -14.62
N ARG A 37 -21.33 -7.56 -13.73
CA ARG A 37 -21.22 -8.59 -12.64
C ARG A 37 -20.28 -8.21 -11.48
N LYS A 38 -20.55 -8.79 -10.31
CA LYS A 38 -19.78 -8.51 -9.11
C LYS A 38 -18.41 -9.11 -9.26
N VAL A 39 -17.39 -8.38 -8.82
CA VAL A 39 -16.01 -8.88 -8.84
C VAL A 39 -15.26 -8.75 -7.53
N GLY A 40 -15.81 -8.02 -6.58
CA GLY A 40 -15.10 -7.79 -5.33
C GLY A 40 -15.98 -7.16 -4.28
N ARG A 41 -15.53 -7.25 -3.04
CA ARG A 41 -16.19 -6.55 -1.92
C ARG A 41 -15.22 -6.27 -0.78
N GLY A 42 -15.60 -5.39 0.13
CA GLY A 42 -14.80 -5.17 1.29
C GLY A 42 -15.72 -4.56 2.35
N LYS A 43 -15.12 -4.22 3.50
CA LYS A 43 -15.85 -3.53 4.58
C LYS A 43 -16.60 -2.31 4.08
N TYR A 44 -15.99 -1.52 3.18
CA TYR A 44 -16.59 -0.22 2.80
C TYR A 44 -17.24 -0.12 1.40
N SER A 45 -17.20 -1.20 0.60
CA SER A 45 -17.80 -1.18 -0.73
C SER A 45 -18.08 -2.51 -1.37
N GLU A 46 -18.91 -2.47 -2.43
CA GLU A 46 -19.02 -3.55 -3.45
C GLU A 46 -18.50 -3.05 -4.82
N VAL A 47 -17.92 -3.97 -5.59
CA VAL A 47 -17.17 -3.64 -6.79
C VAL A 47 -17.64 -4.54 -7.91
N PHE A 48 -18.00 -3.88 -9.01
CA PHE A 48 -18.54 -4.54 -10.21
C PHE A 48 -17.83 -4.10 -11.48
N GLU A 49 -17.63 -5.06 -12.35
CA GLU A 49 -17.33 -4.79 -13.72
C GLU A 49 -18.62 -4.20 -14.30
N GLY A 50 -18.48 -3.19 -15.14
CA GLY A 50 -19.62 -2.66 -15.87
C GLY A 50 -19.33 -2.23 -17.29
N ILE A 51 -20.32 -1.57 -17.89
CA ILE A 51 -20.19 -0.93 -19.22
C ILE A 51 -20.59 0.54 -19.19
N ASN A 52 -19.79 1.40 -19.82
CA ASN A 52 -20.17 2.77 -20.30
C ASN A 52 -21.16 2.66 -21.52
N VAL A 53 -22.43 3.05 -21.34
CA VAL A 53 -23.46 2.90 -22.45
C VAL A 53 -23.28 3.80 -23.70
N ASN A 54 -22.68 4.99 -23.53
CA ASN A 54 -22.29 5.81 -24.69
C ASN A 54 -21.30 5.14 -25.61
N ASN A 55 -20.15 4.73 -25.08
CA ASN A 55 -19.08 4.23 -25.93
C ASN A 55 -18.92 2.72 -25.93
N ASN A 56 -19.67 2.00 -25.09
CA ASN A 56 -19.48 0.52 -24.98
C ASN A 56 -18.13 -0.06 -24.44
N GLU A 57 -17.29 0.82 -23.87
CA GLU A 57 -16.10 0.47 -23.05
C GLU A 57 -16.42 -0.29 -21.76
N LYS A 58 -15.49 -1.10 -21.27
CA LYS A 58 -15.63 -1.55 -19.91
C LYS A 58 -15.25 -0.44 -18.97
N CYS A 59 -15.71 -0.61 -17.74
CA CYS A 59 -15.28 0.14 -16.60
C CYS A 59 -15.39 -0.74 -15.36
N ILE A 60 -14.98 -0.17 -14.24
CA ILE A 60 -15.21 -0.73 -12.94
C ILE A 60 -16.06 0.24 -12.15
N ILE A 61 -17.03 -0.30 -11.44
CA ILE A 61 -17.95 0.44 -10.67
C ILE A 61 -17.85 0.03 -9.22
N LYS A 62 -17.53 1.01 -8.38
CA LYS A 62 -17.33 0.80 -6.98
C LYS A 62 -18.42 1.56 -6.22
N ILE A 63 -19.40 0.80 -5.68
CA ILE A 63 -20.52 1.40 -4.92
C ILE A 63 -20.16 1.45 -3.43
N LEU A 64 -20.25 2.63 -2.81
CA LEU A 64 -19.78 2.76 -1.45
C LEU A 64 -20.94 2.48 -0.48
N LYS A 65 -20.64 1.87 0.68
CA LYS A 65 -21.61 1.71 1.73
C LYS A 65 -21.65 3.03 2.55
N PRO A 66 -22.66 3.23 3.42
CA PRO A 66 -22.80 4.59 4.01
C PRO A 66 -21.51 5.13 4.65
N VAL A 67 -21.08 6.35 4.27
CA VAL A 67 -19.79 6.91 4.67
C VAL A 67 -19.97 8.39 5.09
N LYS A 68 -19.24 8.85 6.10
CA LYS A 68 -19.13 10.30 6.41
C LYS A 68 -18.64 11.19 5.26
N LYS A 69 -19.34 12.31 5.11
CA LYS A 69 -19.06 13.35 4.15
C LYS A 69 -17.54 13.56 4.06
N LYS A 70 -16.93 13.89 5.20
CA LYS A 70 -15.51 14.12 5.31
C LYS A 70 -14.69 12.97 4.70
N LYS A 71 -14.93 11.74 5.15
CA LYS A 71 -14.15 10.61 4.65
C LYS A 71 -14.18 10.51 3.15
N ILE A 72 -15.36 10.69 2.54
CA ILE A 72 -15.52 10.43 1.10
C ILE A 72 -14.88 11.51 0.18
N LYS A 73 -14.97 12.79 0.58
CA LYS A 73 -14.21 13.89 -0.04
C LYS A 73 -12.66 13.71 0.04
N ARG A 74 -12.14 13.06 1.07
CA ARG A 74 -10.67 12.76 1.17
C ARG A 74 -10.34 11.78 0.05
N GLU A 75 -11.02 10.65 0.04
CA GLU A 75 -10.76 9.67 -1.07
C GLU A 75 -10.83 10.39 -2.46
N ILE A 76 -11.95 10.97 -2.84
CA ILE A 76 -12.04 11.62 -4.14
C ILE A 76 -10.96 12.69 -4.45
N LYS A 77 -10.67 13.55 -3.49
CA LYS A 77 -9.67 14.58 -3.68
C LYS A 77 -8.31 13.96 -4.02
N ILE A 78 -7.96 12.87 -3.30
CA ILE A 78 -6.65 12.25 -3.44
C ILE A 78 -6.62 11.61 -4.85
N LEU A 79 -7.69 10.89 -5.18
CA LEU A 79 -7.87 10.29 -6.49
C LEU A 79 -7.75 11.27 -7.65
N GLN A 80 -8.30 12.47 -7.48
CA GLN A 80 -8.23 13.50 -8.52
C GLN A 80 -6.84 14.04 -8.61
N ASN A 81 -6.22 14.32 -7.47
CA ASN A 81 -4.84 14.84 -7.38
C ASN A 81 -3.81 13.97 -8.09
N LEU A 82 -4.06 12.66 -8.08
CA LEU A 82 -3.16 11.64 -8.61
C LEU A 82 -3.53 11.00 -9.99
N CYS A 83 -4.74 11.28 -10.51
CA CYS A 83 -5.16 10.82 -11.87
C CYS A 83 -4.13 11.19 -12.94
N GLY A 84 -3.62 10.19 -13.66
CA GLY A 84 -2.58 10.43 -14.64
C GLY A 84 -1.15 10.06 -14.24
N GLY A 85 -0.88 9.82 -12.95
CA GLY A 85 0.45 9.36 -12.50
C GLY A 85 0.67 7.91 -12.89
N PRO A 86 1.95 7.43 -12.91
CA PRO A 86 2.28 6.08 -13.37
C PRO A 86 1.66 5.08 -12.46
N ASN A 87 1.05 4.07 -13.06
CA ASN A 87 0.33 3.01 -12.38
C ASN A 87 -0.69 3.38 -11.27
N ILE A 88 -1.16 4.64 -11.27
CA ILE A 88 -2.23 4.98 -10.37
C ILE A 88 -3.59 4.79 -11.06
N VAL A 89 -4.50 4.08 -10.38
CA VAL A 89 -5.86 3.90 -10.84
C VAL A 89 -6.49 5.20 -11.26
N LYS A 90 -7.13 5.15 -12.43
CA LYS A 90 -7.87 6.32 -12.99
C LYS A 90 -9.38 6.39 -12.62
N LEU A 91 -9.78 7.42 -11.85
CA LEU A 91 -11.16 7.71 -11.56
C LEU A 91 -11.68 8.41 -12.80
N LEU A 92 -12.84 7.95 -13.26
CA LEU A 92 -13.39 8.40 -14.52
C LEU A 92 -14.56 9.34 -14.32
N ASP A 93 -15.37 9.10 -13.29
CA ASP A 93 -16.65 9.78 -13.02
C ASP A 93 -17.03 9.53 -11.55
N ILE A 94 -17.91 10.32 -10.96
CA ILE A 94 -18.50 10.11 -9.64
C ILE A 94 -20.01 10.28 -9.89
N VAL A 95 -20.87 9.36 -9.38
CA VAL A 95 -22.34 9.38 -9.58
C VAL A 95 -23.08 8.87 -8.32
N ARG A 96 -24.40 9.08 -8.25
CA ARG A 96 -25.19 8.80 -7.06
C ARG A 96 -26.60 8.40 -7.48
N ASP A 97 -27.17 7.43 -6.77
CA ASP A 97 -28.58 7.11 -6.86
C ASP A 97 -29.39 8.30 -6.33
N GLN A 98 -30.28 8.89 -7.15
CA GLN A 98 -31.09 10.04 -6.67
C GLN A 98 -31.96 9.74 -5.44
N HIS A 99 -32.67 8.62 -5.47
CA HIS A 99 -33.50 8.29 -4.33
C HIS A 99 -32.70 8.09 -3.04
N SER A 100 -31.74 7.17 -3.03
CA SER A 100 -31.03 6.85 -1.79
C SER A 100 -29.72 7.65 -1.59
N LYS A 101 -29.26 8.36 -2.62
CA LYS A 101 -27.98 9.12 -2.53
C LYS A 101 -26.71 8.29 -2.43
N THR A 102 -26.80 6.97 -2.61
CA THR A 102 -25.60 6.15 -2.53
C THR A 102 -24.56 6.48 -3.66
N PRO A 103 -23.33 6.84 -3.26
CA PRO A 103 -22.31 7.22 -4.26
C PRO A 103 -21.64 6.02 -4.93
N SER A 104 -21.24 6.20 -6.17
CA SER A 104 -20.49 5.21 -6.90
C SER A 104 -19.33 5.91 -7.57
N LEU A 105 -18.15 5.32 -7.47
CA LEU A 105 -16.95 5.78 -8.15
C LEU A 105 -16.72 4.93 -9.41
N ILE A 106 -16.49 5.57 -10.54
CA ILE A 106 -16.25 4.87 -11.81
C ILE A 106 -14.79 4.94 -12.18
N PHE A 107 -14.19 3.79 -12.55
CA PHE A 107 -12.76 3.69 -12.85
C PHE A 107 -12.52 3.04 -14.19
N GLU A 108 -11.39 3.39 -14.83
CA GLU A 108 -10.81 2.46 -15.84
C GLU A 108 -10.96 1.00 -15.43
N TYR A 109 -11.08 0.11 -16.42
CA TYR A 109 -11.18 -1.34 -16.21
C TYR A 109 -9.81 -1.95 -16.31
N VAL A 110 -9.40 -2.73 -15.30
CA VAL A 110 -8.17 -3.50 -15.39
C VAL A 110 -8.54 -4.94 -15.44
N ASN A 111 -7.89 -5.68 -16.28
CA ASN A 111 -8.27 -7.06 -16.40
C ASN A 111 -7.38 -7.99 -15.54
N ASN A 112 -7.77 -8.19 -14.28
CA ASN A 112 -6.89 -8.70 -13.21
C ASN A 112 -6.86 -10.18 -13.10
N THR A 113 -5.78 -10.73 -12.54
CA THR A 113 -5.75 -12.13 -12.09
C THR A 113 -5.46 -12.19 -10.61
N ASP A 114 -6.25 -12.96 -9.85
CA ASP A 114 -6.05 -12.99 -8.40
C ASP A 114 -4.65 -13.38 -8.04
N PHE A 115 -4.12 -12.64 -7.08
CA PHE A 115 -2.78 -12.82 -6.57
C PHE A 115 -2.51 -14.26 -6.04
N LYS A 116 -3.54 -14.89 -5.48
CA LYS A 116 -3.33 -16.15 -4.82
C LYS A 116 -3.08 -17.24 -5.92
N VAL A 117 -3.61 -17.01 -7.14
CA VAL A 117 -3.41 -17.91 -8.28
C VAL A 117 -2.21 -17.42 -9.18
N LEU A 118 -2.03 -16.10 -9.28
CA LEU A 118 -1.00 -15.51 -10.16
C LEU A 118 0.42 -15.66 -9.61
N TYR A 119 0.68 -15.04 -8.44
CA TYR A 119 2.02 -15.10 -7.82
C TYR A 119 2.75 -16.44 -7.89
N PRO A 120 2.15 -17.56 -7.45
CA PRO A 120 3.02 -18.78 -7.56
C PRO A 120 3.52 -19.19 -8.98
N THR A 121 3.05 -18.51 -10.02
CA THR A 121 3.51 -18.78 -11.39
C THR A 121 4.51 -17.70 -11.89
N LEU A 122 4.65 -16.63 -11.15
CA LEU A 122 5.55 -15.55 -11.54
C LEU A 122 7.04 -15.97 -11.56
N THR A 123 7.74 -15.60 -12.60
CA THR A 123 9.19 -15.87 -12.61
C THR A 123 9.90 -14.89 -11.71
N ASP A 124 11.12 -15.27 -11.33
CA ASP A 124 12.06 -14.34 -10.76
C ASP A 124 12.05 -12.98 -11.48
N TYR A 125 12.18 -12.93 -12.80
CA TYR A 125 12.17 -11.62 -13.50
C TYR A 125 10.87 -10.86 -13.35
N ASP A 126 9.75 -11.60 -13.39
CA ASP A 126 8.41 -11.05 -13.30
C ASP A 126 8.23 -10.36 -11.94
N ILE A 127 8.72 -11.03 -10.89
CA ILE A 127 8.69 -10.52 -9.52
C ILE A 127 9.40 -9.18 -9.49
N ARG A 128 10.60 -9.14 -10.06
CA ARG A 128 11.39 -7.88 -10.08
C ARG A 128 10.63 -6.77 -10.80
N TYR A 129 10.14 -7.13 -11.99
CA TYR A 129 9.36 -6.24 -12.85
C TYR A 129 8.13 -5.60 -12.16
N TYR A 130 7.28 -6.43 -11.52
CA TYR A 130 6.03 -5.88 -10.95
C TYR A 130 6.32 -5.06 -9.70
N ILE A 131 7.29 -5.50 -8.88
CA ILE A 131 7.66 -4.67 -7.68
C ILE A 131 8.14 -3.31 -8.13
N TYR A 132 9.03 -3.30 -9.12
CA TYR A 132 9.39 -2.03 -9.77
C TYR A 132 8.23 -1.15 -10.24
N GLU A 133 7.28 -1.73 -10.97
CA GLU A 133 6.07 -1.00 -11.36
C GLU A 133 5.33 -0.46 -10.16
N LEU A 134 5.22 -1.29 -9.12
CA LEU A 134 4.58 -0.87 -7.90
C LEU A 134 5.34 0.26 -7.21
N LEU A 135 6.67 0.14 -7.13
CA LEU A 135 7.53 1.26 -6.70
C LEU A 135 7.33 2.58 -7.46
N LYS A 136 7.15 2.55 -8.79
CA LYS A 136 6.78 3.81 -9.57
C LYS A 136 5.60 4.66 -8.98
N ALA A 137 4.50 3.92 -8.72
CA ALA A 137 3.30 4.46 -8.09
C ALA A 137 3.57 5.07 -6.68
N LEU A 138 4.33 4.31 -5.86
CA LEU A 138 4.68 4.74 -4.49
C LEU A 138 5.43 6.03 -4.50
N ASP A 139 6.56 6.10 -5.26
CA ASP A 139 7.27 7.33 -5.45
C ASP A 139 6.45 8.46 -5.97
N TYR A 140 5.62 8.17 -6.99
CA TYR A 140 4.65 9.15 -7.45
C TYR A 140 3.75 9.69 -6.32
N CYS A 141 3.02 8.82 -5.61
CA CYS A 141 2.08 9.41 -4.65
C CYS A 141 2.87 10.10 -3.51
N HIS A 142 3.96 9.52 -3.02
CA HIS A 142 4.77 10.30 -2.01
C HIS A 142 5.27 11.64 -2.52
N SER A 143 5.70 11.64 -3.78
CA SER A 143 6.13 12.90 -4.40
C SER A 143 5.01 13.94 -4.47
N GLN A 144 3.76 13.47 -4.42
CA GLN A 144 2.62 14.41 -4.45
C GLN A 144 1.99 14.61 -3.07
N GLY A 145 2.68 14.19 -1.99
CA GLY A 145 2.25 14.52 -0.62
C GLY A 145 1.27 13.56 0.02
N ILE A 146 1.16 12.35 -0.52
CA ILE A 146 0.19 11.41 -0.02
C ILE A 146 0.82 10.13 0.43
N MET A 147 0.42 9.58 1.59
CA MET A 147 0.63 8.16 1.96
C MET A 147 -0.52 7.26 1.58
N HIS A 148 -0.31 6.05 1.04
CA HIS A 148 -1.44 5.20 0.68
C HIS A 148 -2.02 4.59 1.95
N ARG A 149 -1.13 4.04 2.80
CA ARG A 149 -1.45 3.42 4.12
C ARG A 149 -2.25 2.16 4.12
N ASP A 150 -2.31 1.48 2.96
CA ASP A 150 -2.88 0.14 2.80
C ASP A 150 -2.32 -0.67 1.61
N VAL A 151 -1.01 -0.76 1.57
CA VAL A 151 -0.36 -1.47 0.49
C VAL A 151 -0.55 -2.95 0.78
N LYS A 152 -0.94 -3.73 -0.23
CA LYS A 152 -0.92 -5.19 0.01
C LYS A 152 -1.31 -5.86 -1.33
N PRO A 153 -1.13 -7.18 -1.41
CA PRO A 153 -1.49 -7.73 -2.72
C PRO A 153 -2.94 -7.45 -3.22
N HIS A 154 -3.97 -7.66 -2.40
CA HIS A 154 -5.36 -7.34 -2.74
C HIS A 154 -5.60 -5.92 -3.35
N ASN A 155 -4.68 -4.98 -3.02
CA ASN A 155 -4.81 -3.63 -3.54
C ASN A 155 -3.90 -3.24 -4.75
N VAL A 156 -3.29 -4.21 -5.39
CA VAL A 156 -2.44 -3.94 -6.53
C VAL A 156 -3.06 -4.79 -7.67
N MET A 157 -3.77 -4.22 -8.64
CA MET A 157 -4.36 -5.04 -9.75
C MET A 157 -3.33 -5.28 -10.90
N ILE A 158 -3.27 -6.51 -11.43
CA ILE A 158 -2.37 -6.87 -12.53
C ILE A 158 -3.02 -7.60 -13.75
N ASP A 159 -2.81 -7.08 -14.95
CA ASP A 159 -3.17 -7.75 -16.18
C ASP A 159 -1.88 -8.40 -16.68
N HIS A 160 -1.74 -9.67 -16.41
CA HIS A 160 -0.52 -10.33 -16.73
C HIS A 160 -0.15 -10.34 -18.20
N GLU A 161 -1.17 -10.38 -19.07
CA GLU A 161 -0.99 -10.32 -20.53
C GLU A 161 -0.51 -8.96 -21.02
N LEU A 162 -1.02 -7.85 -20.47
CA LEU A 162 -0.52 -6.58 -20.97
C LEU A 162 0.69 -6.12 -20.17
N ARG A 163 1.14 -6.94 -19.23
CA ARG A 163 2.13 -6.57 -18.21
C ARG A 163 1.87 -5.18 -17.66
N LYS A 164 0.63 -4.88 -17.29
CA LYS A 164 0.35 -3.60 -16.57
C LYS A 164 -0.22 -3.79 -15.14
N LEU A 165 -0.07 -2.74 -14.30
CA LEU A 165 -0.35 -2.88 -12.87
C LEU A 165 -0.90 -1.55 -12.46
N ARG A 166 -1.87 -1.57 -11.53
CA ARG A 166 -2.37 -0.29 -10.97
C ARG A 166 -2.48 -0.44 -9.45
N LEU A 167 -2.17 0.64 -8.74
CA LEU A 167 -2.40 0.66 -7.33
C LEU A 167 -3.81 1.17 -7.08
N ILE A 168 -4.59 0.35 -6.35
CA ILE A 168 -6.00 0.69 -6.08
C ILE A 168 -6.36 0.92 -4.62
N ASP A 169 -7.61 1.38 -4.40
CA ASP A 169 -8.23 1.49 -3.13
C ASP A 169 -7.50 2.50 -2.21
N TRP A 170 -7.71 3.73 -2.58
CA TRP A 170 -7.23 4.90 -1.85
C TRP A 170 -8.10 5.36 -0.68
N GLY A 171 -9.01 4.49 -0.20
CA GLY A 171 -9.84 4.72 1.03
C GLY A 171 -9.14 5.12 2.36
N LEU A 172 -7.86 4.81 2.54
CA LEU A 172 -7.23 5.01 3.84
C LEU A 172 -6.06 5.94 3.77
N ALA A 173 -5.94 6.66 2.65
CA ALA A 173 -4.81 7.43 2.27
C ALA A 173 -4.99 8.83 2.88
N GLU A 174 -3.90 9.50 3.14
CA GLU A 174 -4.00 10.81 3.82
C GLU A 174 -2.93 11.70 3.25
N PHE A 175 -3.10 13.03 3.39
CA PHE A 175 -2.04 13.97 3.09
C PHE A 175 -1.04 13.94 4.25
N TYR A 176 0.24 14.10 3.92
CA TYR A 176 1.32 14.10 4.89
C TYR A 176 1.60 15.56 5.29
N HIS A 177 1.62 15.83 6.59
CA HIS A 177 1.83 17.24 7.08
C HIS A 177 2.92 17.15 8.19
N PRO A 178 4.07 17.88 8.07
CA PRO A 178 5.18 17.70 9.05
C PRO A 178 4.73 17.90 10.52
N GLY A 179 4.95 16.91 11.38
CA GLY A 179 4.67 17.02 12.82
C GLY A 179 3.27 16.58 13.20
N LYS A 180 2.33 16.58 12.24
CA LYS A 180 0.97 16.00 12.43
C LYS A 180 0.93 14.60 13.04
N GLU A 181 0.00 14.38 13.96
CA GLU A 181 -0.12 13.08 14.64
C GLU A 181 -1.29 12.25 14.07
N TYR A 182 -1.12 10.93 13.92
CA TYR A 182 -2.03 10.19 13.04
C TYR A 182 -2.59 8.96 13.68
N ASN A 183 -3.72 8.51 13.11
CA ASN A 183 -4.43 7.41 13.65
C ASN A 183 -3.68 6.19 13.22
N VAL A 184 -3.48 5.23 14.14
CA VAL A 184 -2.65 4.08 13.84
C VAL A 184 -3.45 2.90 13.39
N ARG A 185 -4.78 3.06 13.36
CA ARG A 185 -5.61 1.94 12.91
C ARG A 185 -5.80 2.12 11.42
N VAL A 186 -4.73 1.81 10.65
CA VAL A 186 -4.68 1.93 9.20
C VAL A 186 -3.97 0.65 8.73
N ALA A 187 -3.79 0.42 7.44
CA ALA A 187 -3.23 -0.87 6.88
C ALA A 187 -3.97 -2.06 7.39
N SER A 188 -3.67 -3.21 6.84
CA SER A 188 -4.32 -4.42 7.23
C SER A 188 -3.32 -5.11 8.14
N ARG A 189 -3.80 -6.01 9.03
CA ARG A 189 -2.90 -6.51 10.07
CA ARG A 189 -2.93 -6.59 10.09
C ARG A 189 -1.53 -7.09 9.63
N TYR A 190 -1.50 -8.00 8.65
CA TYR A 190 -0.20 -8.56 8.21
C TYR A 190 0.83 -7.57 7.63
N PHE A 191 0.40 -6.34 7.35
CA PHE A 191 1.22 -5.35 6.65
C PHE A 191 1.42 -4.13 7.53
N LYS A 192 0.95 -4.19 8.78
CA LYS A 192 1.11 -3.02 9.70
C LYS A 192 2.58 -2.99 10.13
N GLY A 193 3.13 -1.78 10.10
CA GLY A 193 4.49 -1.45 10.56
C GLY A 193 4.63 -1.23 12.06
N PRO A 194 5.85 -1.55 12.60
CA PRO A 194 6.07 -1.45 14.03
C PRO A 194 5.57 -0.13 14.62
N GLU A 195 5.76 0.98 13.95
CA GLU A 195 5.32 2.27 14.48
C GLU A 195 3.80 2.28 14.86
N LEU A 196 3.04 1.41 14.19
CA LEU A 196 1.60 1.44 14.36
C LEU A 196 1.32 0.54 15.54
N LEU A 197 2.02 -0.59 15.57
CA LEU A 197 1.91 -1.56 16.62
C LEU A 197 2.37 -1.06 18.01
N VAL A 198 3.11 0.05 18.05
CA VAL A 198 3.66 0.56 19.32
C VAL A 198 3.13 1.96 19.62
N ASP A 199 2.26 2.48 18.75
CA ASP A 199 1.64 3.82 18.89
C ASP A 199 2.52 5.02 18.71
N LEU A 200 3.50 4.93 17.82
CA LEU A 200 4.13 6.17 17.40
C LEU A 200 3.14 6.71 16.36
N GLN A 201 2.64 7.91 16.61
CA GLN A 201 1.57 8.51 15.80
C GLN A 201 2.10 9.48 14.77
N ASP A 202 3.33 9.91 14.92
CA ASP A 202 3.89 10.81 13.96
C ASP A 202 4.68 10.00 12.89
N TYR A 203 3.98 9.08 12.23
CA TYR A 203 4.56 8.38 11.07
C TYR A 203 4.51 9.25 9.73
N ASP A 204 5.06 8.71 8.65
CA ASP A 204 5.16 9.37 7.32
C ASP A 204 5.10 8.28 6.18
N TYR A 205 5.36 8.68 4.94
CA TYR A 205 5.56 7.78 3.77
C TYR A 205 6.19 6.40 4.03
N SER A 206 7.17 6.34 4.93
CA SER A 206 7.97 5.13 5.16
C SER A 206 7.15 3.93 5.63
N LEU A 207 5.94 4.17 6.17
CA LEU A 207 5.05 3.09 6.56
C LEU A 207 4.73 2.17 5.34
N ASP A 208 4.49 2.76 4.15
CA ASP A 208 4.18 2.02 2.93
C ASP A 208 5.37 1.11 2.46
N MET A 209 6.59 1.50 2.81
CA MET A 209 7.79 0.69 2.54
C MET A 209 7.93 -0.59 3.37
N TRP A 210 7.56 -0.53 4.66
CA TRP A 210 7.41 -1.76 5.50
C TRP A 210 6.39 -2.73 4.86
N SER A 211 5.20 -2.20 4.53
CA SER A 211 4.14 -3.04 3.89
C SER A 211 4.61 -3.68 2.61
N LEU A 212 5.30 -2.91 1.76
CA LEU A 212 5.93 -3.46 0.56
C LEU A 212 6.88 -4.53 0.84
N GLY A 213 7.78 -4.30 1.84
CA GLY A 213 8.73 -5.36 2.32
C GLY A 213 8.04 -6.66 2.74
N CYS A 214 6.88 -6.50 3.38
CA CYS A 214 6.04 -7.63 3.79
C CYS A 214 5.55 -8.39 2.55
N MET A 215 5.09 -7.64 1.55
CA MET A 215 4.57 -8.20 0.29
C MET A 215 5.69 -8.88 -0.49
N PHE A 216 6.81 -8.17 -0.64
CA PHE A 216 8.04 -8.78 -1.12
C PHE A 216 8.53 -10.08 -0.46
N ALA A 217 8.65 -10.08 0.89
CA ALA A 217 9.08 -11.29 1.66
C ALA A 217 8.21 -12.47 1.38
N GLY A 218 6.89 -12.19 1.43
CA GLY A 218 5.90 -13.16 1.01
C GLY A 218 6.04 -13.68 -0.40
N MET A 219 6.35 -12.83 -1.36
CA MET A 219 6.59 -13.31 -2.74
C MET A 219 7.89 -14.11 -2.93
N ILE A 220 9.04 -13.60 -2.47
CA ILE A 220 10.24 -14.44 -2.61
C ILE A 220 10.31 -15.71 -1.72
N PHE A 221 9.76 -15.68 -0.51
CA PHE A 221 9.79 -16.88 0.33
C PHE A 221 8.60 -17.86 0.15
N ARG A 222 7.65 -17.53 -0.75
CA ARG A 222 6.43 -18.29 -0.99
C ARG A 222 5.67 -18.53 0.32
N LYS A 223 5.44 -17.46 1.06
CA LYS A 223 4.87 -17.56 2.39
C LYS A 223 3.89 -16.40 2.56
N GLU A 224 2.62 -16.67 2.22
CA GLU A 224 1.50 -15.71 2.33
C GLU A 224 0.62 -15.93 3.59
N PRO A 225 0.50 -14.93 4.48
CA PRO A 225 1.32 -13.71 4.56
C PRO A 225 2.61 -14.06 5.32
N PHE A 226 3.67 -13.28 5.13
CA PHE A 226 4.97 -13.55 5.81
C PHE A 226 4.93 -13.46 7.34
N PHE A 227 4.38 -12.37 7.88
CA PHE A 227 4.18 -12.15 9.33
C PHE A 227 2.72 -12.40 9.75
N TYR A 228 2.45 -13.56 10.34
CA TYR A 228 1.08 -14.05 10.50
C TYR A 228 0.58 -13.99 11.95
N GLY A 229 0.19 -12.79 12.42
CA GLY A 229 -0.30 -12.69 13.76
C GLY A 229 -1.84 -12.66 13.76
N HIS A 230 -2.43 -13.17 14.85
CA HIS A 230 -3.89 -13.18 14.99
C HIS A 230 -4.49 -11.82 15.41
N ASP A 231 -3.76 -11.02 16.16
CA ASP A 231 -4.30 -9.68 16.53
C ASP A 231 -3.14 -8.74 16.60
N ASN A 232 -3.36 -7.47 16.97
CA ASN A 232 -2.31 -6.46 16.98
C ASN A 232 -1.15 -6.73 17.96
N HIS A 233 -1.43 -7.28 19.15
CA HIS A 233 -0.36 -7.63 20.08
C HIS A 233 0.43 -8.82 19.51
N ASP A 234 -0.28 -9.84 19.00
CA ASP A 234 0.38 -11.01 18.36
C ASP A 234 1.21 -10.51 17.13
N GLN A 235 0.70 -9.57 16.31
CA GLN A 235 1.51 -9.10 15.15
C GLN A 235 2.91 -8.64 15.57
N LEU A 236 3.00 -7.82 16.60
CA LEU A 236 4.35 -7.38 17.07
C LEU A 236 5.26 -8.49 17.57
N VAL A 237 4.72 -9.46 18.27
CA VAL A 237 5.48 -10.68 18.67
C VAL A 237 6.06 -11.43 17.48
N LYS A 238 5.24 -11.52 16.45
CA LYS A 238 5.61 -12.33 15.27
C LYS A 238 6.77 -11.62 14.50
N ILE A 239 6.81 -10.29 14.56
CA ILE A 239 7.93 -9.50 14.02
C ILE A 239 9.22 -9.63 14.91
N ALA A 240 9.05 -9.46 16.24
CA ALA A 240 10.14 -9.54 17.20
C ALA A 240 10.81 -10.91 17.17
N LYS A 241 10.04 -11.95 16.89
CA LYS A 241 10.59 -13.31 16.73
C LYS A 241 11.47 -13.50 15.50
N VAL A 242 11.27 -12.70 14.46
CA VAL A 242 12.20 -12.71 13.31
C VAL A 242 13.34 -11.69 13.40
N LEU A 243 13.00 -10.44 13.71
CA LEU A 243 13.99 -9.37 13.76
C LEU A 243 14.84 -9.36 15.06
N GLY A 244 14.39 -10.09 16.09
CA GLY A 244 15.08 -10.17 17.40
C GLY A 244 14.70 -8.92 18.19
N THR A 245 14.84 -8.98 19.52
CA THR A 245 14.34 -7.96 20.47
C THR A 245 15.33 -6.88 20.83
N ASP A 246 16.62 -7.17 20.64
CA ASP A 246 17.61 -6.09 20.74
C ASP A 246 17.32 -4.84 19.89
N GLY A 247 16.99 -5.05 18.61
CA GLY A 247 16.65 -3.94 17.71
C GLY A 247 15.45 -3.15 18.17
N LEU A 248 14.51 -3.87 18.79
CA LEU A 248 13.26 -3.29 19.27
C LEU A 248 13.52 -2.26 20.39
N ASN A 249 14.38 -2.70 21.34
CA ASN A 249 14.73 -1.92 22.52
C ASN A 249 15.42 -0.62 22.13
N VAL A 250 16.37 -0.69 21.18
CA VAL A 250 16.98 0.56 20.64
C VAL A 250 15.95 1.47 19.98
N TYR A 251 15.10 0.89 19.10
CA TYR A 251 13.97 1.65 18.55
C TYR A 251 13.16 2.43 19.60
N LEU A 252 12.60 1.69 20.55
CA LEU A 252 11.79 2.25 21.64
C LEU A 252 12.41 3.40 22.37
N ASN A 253 13.67 3.23 22.73
CA ASN A 253 14.43 4.21 23.47
C ASN A 253 14.80 5.38 22.61
N LYS A 254 15.21 5.13 21.36
CA LYS A 254 15.38 6.25 20.37
C LYS A 254 14.18 7.21 20.34
N TYR A 255 12.98 6.66 20.23
CA TYR A 255 11.79 7.49 20.12
C TYR A 255 11.05 7.62 21.49
N ARG A 256 11.72 7.13 22.54
CA ARG A 256 11.24 7.13 23.91
C ARG A 256 9.81 6.68 24.04
N ILE A 257 9.57 5.42 23.67
CA ILE A 257 8.24 4.90 23.73
C ILE A 257 8.22 3.88 24.83
N GLU A 258 7.31 4.08 25.77
CA GLU A 258 7.01 3.13 26.83
C GLU A 258 6.15 2.07 26.18
N LEU A 259 6.54 0.81 26.27
CA LEU A 259 5.64 -0.21 25.81
C LEU A 259 4.64 -0.51 26.92
N ASP A 260 3.60 -1.22 26.55
CA ASP A 260 2.60 -1.61 27.50
C ASP A 260 3.07 -2.80 28.33
N PRO A 261 2.83 -2.76 29.66
CA PRO A 261 3.17 -3.89 30.56
C PRO A 261 2.89 -5.29 29.99
N GLN A 262 1.65 -5.52 29.56
CA GLN A 262 1.23 -6.82 29.05
C GLN A 262 1.86 -7.15 27.68
N LEU A 263 1.83 -6.18 26.76
CA LEU A 263 2.48 -6.38 25.46
C LEU A 263 3.97 -6.78 25.63
N GLU A 264 4.69 -5.96 26.41
CA GLU A 264 6.09 -6.22 26.75
C GLU A 264 6.26 -7.63 27.30
N ALA A 265 5.35 -8.04 28.17
CA ALA A 265 5.41 -9.39 28.62
C ALA A 265 5.19 -10.38 27.45
N LEU A 266 4.22 -10.16 26.57
CA LEU A 266 4.00 -11.08 25.40
C LEU A 266 5.20 -11.21 24.47
N VAL A 267 5.81 -10.08 24.16
CA VAL A 267 6.95 -9.99 23.22
C VAL A 267 8.16 -10.78 23.75
N GLY A 268 8.47 -10.65 25.03
CA GLY A 268 9.52 -11.50 25.65
C GLY A 268 10.92 -11.10 25.22
N ARG A 269 11.78 -12.09 25.04
CA ARG A 269 13.15 -11.88 24.60
C ARG A 269 13.46 -12.87 23.48
N HIS A 270 14.04 -12.39 22.36
CA HIS A 270 14.30 -13.21 21.16
C HIS A 270 15.49 -12.64 20.42
N SER A 271 16.29 -13.50 19.85
CA SER A 271 17.44 -13.01 19.09
C SER A 271 17.07 -13.00 17.59
N ARG A 272 17.94 -12.38 16.78
CA ARG A 272 17.72 -12.21 15.34
C ARG A 272 17.81 -13.50 14.54
N LYS A 273 16.77 -13.79 13.78
CA LYS A 273 16.81 -14.93 12.85
C LYS A 273 17.30 -14.45 11.45
N PRO A 274 18.40 -15.01 10.92
CA PRO A 274 18.91 -14.51 9.63
C PRO A 274 17.89 -14.77 8.52
N TRP A 275 17.79 -13.87 7.52
CA TRP A 275 16.86 -14.05 6.40
C TRP A 275 16.94 -15.43 5.73
N LEU A 276 18.15 -15.96 5.62
CA LEU A 276 18.39 -17.21 4.91
C LEU A 276 17.77 -18.44 5.59
N LYS A 277 17.44 -18.31 6.87
CA LYS A 277 16.70 -19.39 7.57
C LYS A 277 15.32 -19.68 7.02
N PHE A 278 14.84 -18.89 6.07
CA PHE A 278 13.52 -19.13 5.45
C PHE A 278 13.59 -19.77 4.08
N MET A 279 14.81 -20.03 3.59
CA MET A 279 14.96 -20.60 2.24
C MET A 279 14.60 -22.09 2.29
N ASN A 280 13.94 -22.60 1.25
CA ASN A 280 13.65 -24.04 1.17
C ASN A 280 13.63 -24.47 -0.29
N ALA A 281 13.28 -25.73 -0.56
CA ALA A 281 13.24 -26.30 -1.90
C ALA A 281 12.38 -25.50 -2.85
N ASP A 282 11.12 -25.30 -2.46
CA ASP A 282 10.16 -24.51 -3.20
C ASP A 282 10.58 -23.02 -3.50
N ASN A 283 11.61 -22.49 -2.85
CA ASN A 283 11.82 -21.05 -3.01
C ASN A 283 13.18 -20.55 -3.48
N GLN A 284 14.21 -21.42 -3.48
CA GLN A 284 15.62 -20.98 -3.67
C GLN A 284 15.90 -20.40 -5.07
N HIS A 285 15.07 -20.75 -6.07
CA HIS A 285 15.11 -20.04 -7.37
C HIS A 285 14.70 -18.53 -7.33
N LEU A 286 14.32 -18.01 -6.17
CA LEU A 286 13.79 -16.68 -6.11
C LEU A 286 14.53 -15.90 -5.10
N VAL A 287 15.24 -16.60 -4.25
CA VAL A 287 15.99 -15.96 -3.19
C VAL A 287 17.45 -15.91 -3.69
N SER A 288 18.00 -14.72 -3.83
CA SER A 288 19.38 -14.53 -4.25
C SER A 288 19.91 -13.49 -3.31
N PRO A 289 21.25 -13.28 -3.28
CA PRO A 289 21.74 -12.34 -2.30
C PRO A 289 21.32 -10.87 -2.55
N GLU A 290 20.93 -10.54 -3.77
CA GLU A 290 20.43 -9.20 -4.09
C GLU A 290 19.01 -9.01 -3.54
N ALA A 291 18.22 -10.05 -3.62
CA ALA A 291 16.80 -10.08 -3.09
C ALA A 291 16.78 -9.89 -1.59
N ILE A 292 17.74 -10.56 -0.94
CA ILE A 292 17.88 -10.53 0.51
C ILE A 292 18.42 -9.14 0.93
N ASP A 293 19.42 -8.64 0.17
CA ASP A 293 19.97 -7.31 0.54
C ASP A 293 18.89 -6.23 0.50
N PHE A 294 18.11 -6.26 -0.58
CA PHE A 294 16.97 -5.40 -0.81
C PHE A 294 15.91 -5.53 0.32
N LEU A 295 15.48 -6.77 0.58
CA LEU A 295 14.52 -7.07 1.68
C LEU A 295 15.02 -6.57 3.02
N ASP A 296 16.30 -6.81 3.33
CA ASP A 296 16.86 -6.38 4.58
C ASP A 296 16.74 -4.88 4.76
N LYS A 297 16.87 -4.12 3.66
CA LYS A 297 16.83 -2.64 3.69
C LYS A 297 15.39 -2.05 3.81
N LEU A 298 14.38 -2.88 3.50
CA LEU A 298 12.95 -2.51 3.68
C LEU A 298 12.44 -2.80 5.15
N LEU A 299 12.68 -3.99 5.64
CA LEU A 299 12.16 -4.39 6.92
C LEU A 299 13.07 -4.01 8.13
N ARG A 300 13.02 -2.74 8.56
CA ARG A 300 13.77 -2.22 9.71
C ARG A 300 12.70 -1.67 10.66
N TYR A 301 12.85 -1.86 11.96
CA TYR A 301 11.90 -1.30 12.92
C TYR A 301 11.93 0.22 12.75
N ASP A 302 13.12 0.75 12.64
CA ASP A 302 13.23 2.22 12.55
C ASP A 302 12.74 2.67 11.18
N HIS A 303 11.58 3.33 11.16
CA HIS A 303 11.07 3.89 9.92
C HIS A 303 12.00 4.93 9.25
N GLN A 304 12.90 5.52 10.02
CA GLN A 304 13.76 6.50 9.41
C GLN A 304 14.91 5.84 8.69
N GLU A 305 15.08 4.52 8.87
CA GLU A 305 16.22 3.77 8.26
C GLU A 305 15.84 2.94 7.01
N ARG A 306 14.52 2.69 6.80
CA ARG A 306 14.04 2.07 5.56
C ARG A 306 14.41 2.93 4.31
N LEU A 307 14.66 2.24 3.20
CA LEU A 307 14.75 2.86 1.86
C LEU A 307 13.52 3.68 1.47
N THR A 308 13.74 4.79 0.74
CA THR A 308 12.64 5.53 0.13
C THR A 308 12.24 4.76 -1.13
N ALA A 309 11.03 5.01 -1.65
CA ALA A 309 10.62 4.43 -2.95
C ALA A 309 11.63 4.77 -4.06
N LEU A 310 12.10 6.01 -4.03
CA LEU A 310 13.05 6.51 -5.07
C LEU A 310 14.42 5.84 -4.92
N GLU A 311 14.88 5.56 -3.71
CA GLU A 311 16.18 4.90 -3.52
C GLU A 311 16.00 3.38 -3.89
N ALA A 312 14.83 2.78 -3.61
CA ALA A 312 14.64 1.36 -3.90
C ALA A 312 14.63 0.96 -5.41
N MET A 313 14.05 1.82 -6.23
CA MET A 313 13.98 1.62 -7.69
C MET A 313 15.38 1.58 -8.27
N THR A 314 16.34 2.15 -7.57
CA THR A 314 17.75 2.09 -8.05
C THR A 314 18.65 0.98 -7.43
N HIS A 315 18.14 0.12 -6.53
CA HIS A 315 18.99 -0.85 -5.87
C HIS A 315 19.29 -1.79 -7.12
N PRO A 316 20.52 -2.39 -7.24
CA PRO A 316 20.89 -3.42 -8.32
C PRO A 316 20.05 -4.68 -8.43
N TYR A 317 19.29 -5.00 -7.36
CA TYR A 317 18.20 -5.95 -7.53
C TYR A 317 17.39 -5.61 -8.78
N PHE A 318 17.06 -4.35 -9.06
CA PHE A 318 16.32 -4.08 -10.35
C PHE A 318 17.10 -3.74 -11.61
N GLN A 319 18.41 -4.04 -11.66
CA GLN A 319 19.15 -3.60 -12.86
C GLN A 319 18.64 -4.00 -14.26
N GLN A 320 18.17 -5.22 -14.43
CA GLN A 320 17.77 -5.69 -15.73
C GLN A 320 16.45 -5.10 -16.15
N VAL A 321 15.56 -4.87 -15.17
CA VAL A 321 14.32 -4.11 -15.40
C VAL A 321 14.60 -2.68 -15.94
N ARG A 322 15.52 -1.98 -15.26
CA ARG A 322 15.94 -0.63 -15.69
C ARG A 322 16.50 -0.63 -17.14
N ALA A 323 17.28 -1.67 -17.48
CA ALA A 323 17.90 -1.73 -18.80
C ALA A 323 16.92 -2.16 -19.93
N ALA A 324 15.89 -2.91 -19.58
CA ALA A 324 14.85 -3.18 -20.51
C ALA A 324 14.15 -1.87 -20.88
N GLU A 325 13.98 -1.00 -19.87
CA GLU A 325 13.31 0.27 -20.06
C GLU A 325 14.10 1.23 -20.91
N ASN A 326 15.32 1.59 -20.49
CA ASN A 326 16.23 2.47 -21.28
C ASN A 326 16.40 2.06 -22.73
N SER A 327 16.04 0.83 -23.03
CA SER A 327 15.88 0.39 -24.38
C SER A 327 14.38 0.12 -24.68
#